data_2ZAY
#
_entry.id   2ZAY
#
_cell.length_a   47.215
_cell.length_b   59.016
_cell.length_c   88.967
_cell.angle_alpha   90.00
_cell.angle_beta   90.00
_cell.angle_gamma   90.00
#
_symmetry.space_group_name_H-M   'P 21 21 21'
#
loop_
_entity.id
_entity.type
_entity.pdbx_description
1 polymer 'Response regulator receiver protein'
2 water water
#
_entity_poly.entity_id   1
_entity_poly.type   'polypeptide(L)'
_entity_poly.pdbx_seq_one_letter_code
;MSLAEGKWWRIMLVDTQLPALAASISALSQEGFDIIQCGNAIEAVPVAVKTHPHLIITEANMPKISGMDLFNSLKKNPQT
ASIPVIALSGRATAKEEAQLLDMGFIDFIAKPVNAIRLSARIKRVLKLLYEDLSAPPAREGHHHHHH
;
_entity_poly.pdbx_strand_id   A,B
#
# COMPACT_ATOMS: atom_id res chain seq x y z
N TRP A 8 -21.47 1.60 -5.15
CA TRP A 8 -21.74 0.14 -5.15
C TRP A 8 -20.43 -0.62 -5.38
N TRP A 9 -19.71 -0.89 -4.30
CA TRP A 9 -18.44 -1.61 -4.41
C TRP A 9 -18.53 -3.04 -3.90
N ARG A 10 -18.31 -4.00 -4.80
CA ARG A 10 -18.33 -5.42 -4.46
C ARG A 10 -16.93 -5.79 -4.02
N ILE A 11 -16.80 -6.34 -2.83
CA ILE A 11 -15.50 -6.75 -2.31
C ILE A 11 -15.56 -8.21 -1.91
N MET A 12 -14.74 -9.06 -2.53
CA MET A 12 -14.74 -10.47 -2.14
C MET A 12 -13.64 -10.69 -1.10
N LEU A 13 -13.98 -11.38 -0.03
CA LEU A 13 -13.02 -11.68 1.03
C LEU A 13 -12.88 -13.20 1.16
N VAL A 14 -11.65 -13.72 1.05
CA VAL A 14 -11.39 -15.15 1.15
C VAL A 14 -10.49 -15.41 2.37
N ASP A 15 -10.98 -16.18 3.34
CA ASP A 15 -10.19 -16.47 4.55
C ASP A 15 -10.68 -17.79 5.14
N THR A 16 -9.76 -18.57 5.70
CA THR A 16 -10.12 -19.86 6.28
C THR A 16 -10.76 -19.75 7.67
N GLN A 17 -10.74 -18.54 8.24
CA GLN A 17 -11.37 -18.33 9.55
C GLN A 17 -12.12 -17.00 9.52
N LEU A 18 -13.14 -16.96 8.68
CA LEU A 18 -14.00 -15.79 8.52
C LEU A 18 -14.58 -15.27 9.83
N PRO A 19 -14.95 -16.17 10.75
CA PRO A 19 -15.51 -15.72 12.02
C PRO A 19 -14.59 -14.73 12.75
N ALA A 20 -13.29 -14.94 12.62
CA ALA A 20 -12.32 -14.06 13.26
C ALA A 20 -12.32 -12.66 12.66
N LEU A 21 -12.85 -12.53 11.45
CA LEU A 21 -12.90 -11.23 10.77
C LEU A 21 -14.29 -10.59 10.86
N ALA A 22 -15.24 -11.33 11.43
CA ALA A 22 -16.62 -10.85 11.56
C ALA A 22 -16.70 -9.38 11.98
N ALA A 23 -15.90 -9.01 12.97
CA ALA A 23 -15.87 -7.64 13.47
C ALA A 23 -15.50 -6.64 12.37
N SER A 24 -14.39 -6.91 11.69
CA SER A 24 -13.92 -6.04 10.61
C SER A 24 -14.89 -6.00 9.44
N ILE A 25 -15.42 -7.16 9.08
CA ILE A 25 -16.37 -7.26 7.97
C ILE A 25 -17.62 -6.41 8.22
N SER A 26 -18.13 -6.45 9.45
CA SER A 26 -19.32 -5.67 9.79
C SER A 26 -19.06 -4.19 9.63
N ALA A 27 -17.87 -3.74 10.02
CA ALA A 27 -17.52 -2.32 9.91
C ALA A 27 -17.45 -1.85 8.47
N LEU A 28 -17.05 -2.74 7.56
CA LEU A 28 -16.94 -2.40 6.14
C LEU A 28 -18.32 -2.26 5.49
N SER A 29 -19.25 -3.09 5.92
CA SER A 29 -20.61 -3.05 5.37
C SER A 29 -21.12 -1.64 5.63
N GLN A 30 -20.91 -1.20 6.86
CA GLN A 30 -21.34 0.13 7.29
C GLN A 30 -20.69 1.19 6.42
N GLU A 31 -19.48 0.89 5.94
CA GLU A 31 -18.72 1.80 5.09
C GLU A 31 -19.32 1.86 3.70
N GLY A 32 -20.19 0.91 3.38
CA GLY A 32 -20.83 0.90 2.07
C GLY A 32 -20.31 -0.19 1.14
N PHE A 33 -19.48 -1.08 1.67
CA PHE A 33 -18.94 -2.16 0.85
C PHE A 33 -19.88 -3.36 0.89
N ASP A 34 -20.05 -4.00 -0.27
CA ASP A 34 -20.89 -5.18 -0.40
C ASP A 34 -19.91 -6.34 -0.28
N ILE A 35 -19.84 -6.96 0.90
CA ILE A 35 -18.90 -8.05 1.14
C ILE A 35 -19.36 -9.45 0.74
N ILE A 36 -18.57 -10.08 -0.12
CA ILE A 36 -18.83 -11.42 -0.59
C ILE A 36 -17.81 -12.27 0.16
N GLN A 37 -18.29 -13.19 1.01
CA GLN A 37 -17.39 -14.02 1.82
C GLN A 37 -17.19 -15.44 1.35
N CYS A 38 -15.93 -15.84 1.17
CA CYS A 38 -15.58 -17.19 0.75
C CYS A 38 -14.64 -17.81 1.79
N GLY A 39 -14.91 -19.07 2.14
CA GLY A 39 -14.10 -19.75 3.15
C GLY A 39 -12.83 -20.40 2.65
N ASN A 40 -12.68 -20.53 1.33
CA ASN A 40 -11.48 -21.12 0.77
C ASN A 40 -11.33 -20.78 -0.71
N ALA A 41 -10.16 -21.09 -1.26
CA ALA A 41 -9.85 -20.79 -2.66
C ALA A 41 -10.70 -21.56 -3.67
N ILE A 42 -11.12 -22.76 -3.28
CA ILE A 42 -11.94 -23.61 -4.14
C ILE A 42 -13.22 -22.93 -4.61
N GLU A 43 -13.96 -22.30 -3.70
CA GLU A 43 -15.19 -21.64 -4.10
C GLU A 43 -14.93 -20.21 -4.59
N ALA A 44 -13.86 -19.60 -4.09
CA ALA A 44 -13.50 -18.23 -4.46
C ALA A 44 -13.37 -17.94 -5.96
N VAL A 45 -12.68 -18.82 -6.69
CA VAL A 45 -12.49 -18.59 -8.13
C VAL A 45 -13.80 -18.53 -8.93
N PRO A 46 -14.62 -19.59 -8.87
CA PRO A 46 -15.88 -19.54 -9.63
C PRO A 46 -16.76 -18.38 -9.17
N VAL A 47 -16.76 -18.12 -7.87
CA VAL A 47 -17.57 -17.02 -7.33
C VAL A 47 -17.07 -15.69 -7.90
N ALA A 48 -15.75 -15.53 -7.97
CA ALA A 48 -15.20 -14.28 -8.50
C ALA A 48 -15.60 -14.09 -9.96
N VAL A 49 -15.51 -15.15 -10.73
CA VAL A 49 -15.85 -15.09 -12.15
C VAL A 49 -17.31 -14.68 -12.39
N LYS A 50 -18.21 -15.11 -11.52
CA LYS A 50 -19.61 -14.76 -11.72
C LYS A 50 -20.10 -13.52 -10.97
N THR A 51 -19.40 -13.10 -9.93
CA THR A 51 -19.82 -11.93 -9.17
C THR A 51 -19.02 -10.68 -9.52
N HIS A 52 -17.90 -10.87 -10.21
CA HIS A 52 -17.08 -9.73 -10.64
C HIS A 52 -16.79 -8.70 -9.54
N PRO A 53 -16.17 -9.13 -8.43
CA PRO A 53 -15.87 -8.16 -7.37
C PRO A 53 -14.95 -7.07 -7.91
N HIS A 54 -15.03 -5.87 -7.35
CA HIS A 54 -14.16 -4.77 -7.78
C HIS A 54 -12.76 -4.97 -7.21
N LEU A 55 -12.70 -5.67 -6.09
CA LEU A 55 -11.42 -5.93 -5.43
C LEU A 55 -11.52 -7.21 -4.63
N ILE A 56 -10.42 -7.92 -4.51
CA ILE A 56 -10.39 -9.19 -3.78
C ILE A 56 -9.39 -9.13 -2.66
N ILE A 57 -9.78 -9.66 -1.51
CA ILE A 57 -8.90 -9.69 -0.34
C ILE A 57 -8.78 -11.17 0.03
N THR A 58 -7.55 -11.69 0.05
CA THR A 58 -7.39 -13.09 0.39
C THR A 58 -6.33 -13.35 1.42
N GLU A 59 -6.56 -14.38 2.24
CA GLU A 59 -5.58 -14.79 3.24
C GLU A 59 -4.42 -15.30 2.39
N ALA A 60 -3.19 -15.01 2.81
CA ALA A 60 -2.02 -15.45 2.04
C ALA A 60 -1.73 -16.94 2.21
N ASN A 61 -1.68 -17.39 3.45
CA ASN A 61 -1.39 -18.79 3.71
C ASN A 61 -2.62 -19.61 4.10
N MET A 62 -3.17 -20.33 3.12
CA MET A 62 -4.33 -21.18 3.33
C MET A 62 -3.92 -22.62 2.98
N PRO A 63 -4.39 -23.60 3.76
CA PRO A 63 -4.04 -25.00 3.47
C PRO A 63 -4.59 -25.46 2.13
N LYS A 64 -3.88 -26.39 1.49
CA LYS A 64 -4.30 -26.93 0.19
C LYS A 64 -4.07 -25.89 -0.92
N ILE A 65 -4.90 -24.85 -0.93
CA ILE A 65 -4.78 -23.80 -1.93
C ILE A 65 -4.48 -22.46 -1.24
N SER A 66 -3.32 -21.89 -1.57
CA SER A 66 -2.88 -20.64 -0.95
C SER A 66 -3.39 -19.38 -1.65
N GLY A 67 -3.14 -18.25 -1.03
CA GLY A 67 -3.55 -16.97 -1.60
C GLY A 67 -2.80 -16.76 -2.91
N MET A 68 -1.55 -17.23 -2.97
CA MET A 68 -0.77 -17.10 -4.20
C MET A 68 -1.35 -17.98 -5.30
N ASP A 69 -1.89 -19.13 -4.92
CA ASP A 69 -2.50 -20.05 -5.88
C ASP A 69 -3.76 -19.41 -6.43
N LEU A 70 -4.52 -18.77 -5.55
CA LEU A 70 -5.74 -18.09 -5.94
C LEU A 70 -5.38 -16.94 -6.88
N PHE A 71 -4.36 -16.17 -6.50
CA PHE A 71 -3.93 -15.06 -7.35
C PHE A 71 -3.63 -15.55 -8.76
N ASN A 72 -2.86 -16.63 -8.86
CA ASN A 72 -2.50 -17.19 -10.17
C ASN A 72 -3.73 -17.69 -10.93
N SER A 73 -4.65 -18.33 -10.24
CA SER A 73 -5.86 -18.85 -10.89
C SER A 73 -6.71 -17.71 -11.46
N LEU A 74 -6.79 -16.61 -10.72
CA LEU A 74 -7.56 -15.45 -11.17
C LEU A 74 -6.94 -14.85 -12.44
N LYS A 75 -5.63 -14.97 -12.57
CA LYS A 75 -4.92 -14.42 -13.72
C LYS A 75 -5.20 -15.23 -14.98
N LYS A 76 -5.75 -16.43 -14.82
CA LYS A 76 -6.03 -17.28 -15.97
C LYS A 76 -7.36 -17.01 -16.68
N ASN A 77 -8.23 -16.22 -16.05
CA ASN A 77 -9.52 -15.90 -16.65
C ASN A 77 -9.57 -14.41 -16.98
N PRO A 78 -9.82 -14.06 -18.25
CA PRO A 78 -9.89 -12.66 -18.68
C PRO A 78 -10.88 -11.83 -17.87
N GLN A 79 -11.90 -12.46 -17.32
CA GLN A 79 -12.89 -11.74 -16.53
C GLN A 79 -12.32 -11.23 -15.21
N THR A 80 -11.40 -12.00 -14.63
CA THR A 80 -10.82 -11.65 -13.33
C THR A 80 -9.33 -11.29 -13.30
N ALA A 81 -8.65 -11.44 -14.42
CA ALA A 81 -7.22 -11.19 -14.51
C ALA A 81 -6.73 -9.80 -14.12
N SER A 82 -7.59 -8.80 -14.20
CA SER A 82 -7.19 -7.44 -13.84
C SER A 82 -7.75 -6.94 -12.52
N ILE A 83 -8.56 -7.77 -11.84
CA ILE A 83 -9.12 -7.35 -10.54
C ILE A 83 -7.99 -7.24 -9.53
N PRO A 84 -7.91 -6.12 -8.79
CA PRO A 84 -6.82 -6.01 -7.82
C PRO A 84 -7.00 -6.97 -6.65
N VAL A 85 -5.88 -7.48 -6.14
CA VAL A 85 -5.93 -8.43 -5.03
C VAL A 85 -5.04 -7.97 -3.88
N ILE A 86 -5.62 -7.91 -2.68
CA ILE A 86 -4.90 -7.51 -1.47
C ILE A 86 -4.63 -8.77 -0.66
N ALA A 87 -3.42 -8.94 -0.17
CA ALA A 87 -3.10 -10.10 0.65
C ALA A 87 -3.18 -9.75 2.12
N LEU A 88 -3.74 -10.68 2.90
CA LEU A 88 -3.86 -10.55 4.35
C LEU A 88 -3.03 -11.69 4.91
N SER A 89 -2.11 -11.41 5.81
CA SER A 89 -1.30 -12.49 6.34
C SER A 89 -1.05 -12.42 7.83
N GLY A 90 -1.15 -13.58 8.47
CA GLY A 90 -0.91 -13.67 9.89
C GLY A 90 0.56 -13.87 10.20
N ARG A 91 1.39 -13.96 9.16
CA ARG A 91 2.82 -14.13 9.34
C ARG A 91 3.49 -12.79 9.10
N ALA A 92 3.30 -12.26 7.90
CA ALA A 92 3.85 -10.96 7.55
C ALA A 92 5.34 -10.74 7.79
N THR A 93 6.17 -11.69 7.37
CA THR A 93 7.61 -11.50 7.50
C THR A 93 7.92 -10.48 6.40
N ALA A 94 9.07 -9.84 6.47
CA ALA A 94 9.45 -8.86 5.45
C ALA A 94 9.58 -9.58 4.12
N LYS A 95 10.12 -10.79 4.17
CA LYS A 95 10.30 -11.58 2.95
C LYS A 95 8.97 -11.98 2.33
N GLU A 96 7.98 -12.31 3.16
CA GLU A 96 6.68 -12.69 2.61
C GLU A 96 6.02 -11.47 1.98
N GLU A 97 6.07 -10.35 2.68
CA GLU A 97 5.48 -9.11 2.17
C GLU A 97 6.09 -8.79 0.82
N ALA A 98 7.42 -8.79 0.74
CA ALA A 98 8.09 -8.49 -0.53
C ALA A 98 7.74 -9.49 -1.63
N GLN A 99 7.68 -10.79 -1.30
CA GLN A 99 7.32 -11.78 -2.31
C GLN A 99 5.93 -11.55 -2.90
N LEU A 100 4.94 -11.31 -2.04
CA LEU A 100 3.59 -11.09 -2.53
C LEU A 100 3.47 -9.81 -3.35
N LEU A 101 4.07 -8.73 -2.86
CA LEU A 101 4.04 -7.48 -3.61
C LEU A 101 4.77 -7.65 -4.96
N ASP A 102 5.90 -8.35 -4.94
CA ASP A 102 6.67 -8.55 -6.18
C ASP A 102 5.87 -9.33 -7.23
N MET A 103 5.03 -10.24 -6.76
CA MET A 103 4.14 -11.09 -7.58
C MET A 103 3.04 -10.30 -8.28
N GLY A 104 2.61 -9.21 -7.66
CA GLY A 104 1.55 -8.42 -8.26
C GLY A 104 0.40 -8.11 -7.33
N PHE A 105 0.44 -8.62 -6.09
CA PHE A 105 -0.62 -8.30 -5.15
C PHE A 105 -0.61 -6.78 -5.04
N ILE A 106 -1.78 -6.15 -5.10
CA ILE A 106 -1.84 -4.69 -5.07
C ILE A 106 -1.48 -4.09 -3.71
N ASP A 107 -1.66 -4.87 -2.64
CA ASP A 107 -1.30 -4.41 -1.30
C ASP A 107 -1.13 -5.63 -0.39
N PHE A 108 -0.55 -5.39 0.79
CA PHE A 108 -0.31 -6.45 1.77
C PHE A 108 -0.62 -5.90 3.15
N ILE A 109 -1.47 -6.61 3.89
CA ILE A 109 -1.87 -6.16 5.22
C ILE A 109 -1.64 -7.26 6.24
N ALA A 110 -0.88 -6.93 7.30
CA ALA A 110 -0.60 -7.89 8.34
C ALA A 110 -1.74 -8.02 9.34
N LYS A 111 -2.09 -9.25 9.69
CA LYS A 111 -3.12 -9.50 10.69
C LYS A 111 -2.45 -9.24 12.04
N PRO A 112 -3.24 -9.01 13.10
CA PRO A 112 -4.71 -8.96 13.10
C PRO A 112 -5.20 -7.77 12.30
N VAL A 113 -6.37 -7.91 11.72
CA VAL A 113 -6.98 -6.88 10.90
C VAL A 113 -7.65 -5.78 11.72
N ASN A 114 -7.39 -4.54 11.32
CA ASN A 114 -8.00 -3.39 11.97
C ASN A 114 -8.94 -2.77 10.94
N ALA A 115 -10.23 -2.73 11.26
CA ALA A 115 -11.24 -2.19 10.37
C ALA A 115 -10.93 -0.81 9.80
N ILE A 116 -10.37 0.09 10.60
CA ILE A 116 -10.07 1.44 10.13
C ILE A 116 -8.96 1.39 9.07
N ARG A 117 -7.94 0.58 9.34
CA ARG A 117 -6.81 0.41 8.43
C ARG A 117 -7.25 -0.29 7.15
N LEU A 118 -8.02 -1.36 7.30
CA LEU A 118 -8.48 -2.11 6.13
C LEU A 118 -9.36 -1.27 5.21
N SER A 119 -10.28 -0.51 5.81
CA SER A 119 -11.16 0.36 5.04
C SER A 119 -10.38 1.35 4.19
N ALA A 120 -9.43 2.05 4.82
CA ALA A 120 -8.62 3.04 4.12
C ALA A 120 -7.78 2.39 3.00
N ARG A 121 -7.26 1.19 3.26
CA ARG A 121 -6.43 0.47 2.29
C ARG A 121 -7.24 0.09 1.06
N ILE A 122 -8.47 -0.36 1.29
CA ILE A 122 -9.37 -0.73 0.20
C ILE A 122 -9.69 0.51 -0.62
N LYS A 123 -10.09 1.58 0.05
CA LYS A 123 -10.43 2.82 -0.64
C LYS A 123 -9.28 3.41 -1.44
N ARG A 124 -8.07 3.35 -0.90
CA ARG A 124 -6.94 3.91 -1.63
C ARG A 124 -6.76 3.20 -2.97
N VAL A 125 -6.85 1.88 -2.95
CA VAL A 125 -6.69 1.08 -4.16
C VAL A 125 -7.82 1.35 -5.14
N LEU A 126 -9.04 1.44 -4.62
CA LEU A 126 -10.19 1.69 -5.48
C LEU A 126 -10.07 3.08 -6.12
N LYS A 127 -9.61 4.07 -5.36
CA LYS A 127 -9.47 5.42 -5.90
C LYS A 127 -8.43 5.44 -7.02
N LEU A 128 -7.34 4.70 -6.82
CA LEU A 128 -6.26 4.63 -7.80
C LEU A 128 -6.62 3.91 -9.09
N LEU A 129 -7.32 2.78 -8.97
CA LEU A 129 -7.67 1.97 -10.13
C LEU A 129 -8.99 2.28 -10.84
N TYR A 130 -9.95 2.82 -10.11
CA TYR A 130 -11.24 3.14 -10.73
C TYR A 130 -11.49 4.65 -10.83
N TRP B 8 17.26 3.85 -13.86
CA TRP B 8 17.60 5.16 -13.23
C TRP B 8 16.35 5.76 -12.58
N TRP B 9 15.85 5.09 -11.53
CA TRP B 9 14.68 5.59 -10.82
C TRP B 9 15.16 6.54 -9.74
N ARG B 10 14.55 7.72 -9.68
CA ARG B 10 14.91 8.73 -8.69
C ARG B 10 13.91 8.69 -7.55
N ILE B 11 14.40 8.47 -6.34
CA ILE B 11 13.55 8.42 -5.15
C ILE B 11 14.02 9.50 -4.18
N MET B 12 13.13 10.44 -3.83
CA MET B 12 13.48 11.50 -2.89
C MET B 12 12.99 11.13 -1.48
N LEU B 13 13.88 11.23 -0.51
CA LEU B 13 13.52 10.91 0.87
C LEU B 13 13.58 12.19 1.70
N VAL B 14 12.49 12.50 2.38
CA VAL B 14 12.43 13.71 3.20
C VAL B 14 12.20 13.30 4.65
N ASP B 15 13.14 13.68 5.53
CA ASP B 15 13.02 13.33 6.94
C ASP B 15 14.05 14.10 7.74
N THR B 16 13.65 14.61 8.91
CA THR B 16 14.56 15.37 9.77
C THR B 16 15.46 14.44 10.57
N GLN B 17 15.30 13.14 10.36
CA GLN B 17 16.09 12.14 11.07
C GLN B 17 16.65 11.14 10.05
N LEU B 18 17.33 11.66 9.04
CA LEU B 18 17.91 10.84 7.98
C LEU B 18 18.96 9.81 8.40
N PRO B 19 19.78 10.13 9.42
CA PRO B 19 20.79 9.17 9.85
C PRO B 19 20.17 7.82 10.23
N ALA B 20 18.98 7.87 10.81
CA ALA B 20 18.29 6.66 11.23
C ALA B 20 17.88 5.77 10.06
N LEU B 21 17.90 6.32 8.85
CA LEU B 21 17.52 5.57 7.66
C LEU B 21 18.72 5.24 6.79
N ALA B 22 19.90 5.64 7.26
CA ALA B 22 21.16 5.41 6.55
C ALA B 22 21.33 4.00 6.01
N ALA B 23 20.96 3.00 6.81
CA ALA B 23 21.09 1.60 6.39
C ALA B 23 20.14 1.27 5.25
N SER B 24 18.93 1.82 5.30
CA SER B 24 17.94 1.59 4.25
C SER B 24 18.35 2.30 2.98
N ILE B 25 18.86 3.52 3.12
CA ILE B 25 19.30 4.30 1.96
C ILE B 25 20.40 3.52 1.24
N SER B 26 21.32 2.95 2.00
CA SER B 26 22.42 2.17 1.41
C SER B 26 21.84 0.99 0.66
N ALA B 27 20.86 0.31 1.27
CA ALA B 27 20.25 -0.84 0.64
C ALA B 27 19.61 -0.48 -0.70
N LEU B 28 18.83 0.59 -0.70
CA LEU B 28 18.17 1.04 -1.92
C LEU B 28 19.19 1.49 -2.96
N SER B 29 20.24 2.17 -2.51
CA SER B 29 21.28 2.63 -3.42
C SER B 29 21.96 1.41 -4.07
N GLN B 30 22.30 0.44 -3.24
CA GLN B 30 22.95 -0.77 -3.70
C GLN B 30 22.06 -1.45 -4.75
N GLU B 31 20.75 -1.34 -4.54
CA GLU B 31 19.79 -1.95 -5.46
C GLU B 31 19.73 -1.25 -6.82
N GLY B 32 20.21 -0.02 -6.88
CA GLY B 32 20.19 0.71 -8.14
C GLY B 32 19.40 2.00 -8.17
N PHE B 33 18.76 2.35 -7.06
CA PHE B 33 17.97 3.58 -7.00
C PHE B 33 18.82 4.83 -6.81
N ASP B 34 18.40 5.93 -7.44
CA ASP B 34 19.08 7.21 -7.33
C ASP B 34 18.35 7.89 -6.17
N ILE B 35 18.96 7.87 -4.98
CA ILE B 35 18.33 8.45 -3.81
C ILE B 35 18.68 9.92 -3.57
N ILE B 36 17.64 10.74 -3.47
CA ILE B 36 17.76 12.17 -3.23
C ILE B 36 17.31 12.44 -1.80
N GLN B 37 18.24 12.84 -0.95
CA GLN B 37 17.94 13.10 0.46
C GLN B 37 17.67 14.57 0.75
N CYS B 38 16.70 14.83 1.63
CA CYS B 38 16.37 16.19 2.04
C CYS B 38 16.08 16.15 3.53
N GLY B 39 16.92 16.82 4.30
CA GLY B 39 16.76 16.83 5.75
C GLY B 39 15.91 17.93 6.33
N ASN B 40 15.34 18.79 5.49
CA ASN B 40 14.50 19.88 5.99
C ASN B 40 13.36 20.25 5.04
N ALA B 41 12.17 20.33 5.61
CA ALA B 41 10.94 20.64 4.87
C ALA B 41 11.00 21.88 3.97
N ILE B 42 11.66 22.93 4.45
CA ILE B 42 11.77 24.18 3.71
C ILE B 42 12.40 24.02 2.31
N GLU B 43 13.30 23.06 2.18
CA GLU B 43 13.99 22.84 0.90
C GLU B 43 13.36 21.73 0.06
N ALA B 44 12.47 20.96 0.66
CA ALA B 44 11.82 19.84 -0.02
C ALA B 44 11.23 20.13 -1.40
N VAL B 45 10.33 21.11 -1.48
CA VAL B 45 9.70 21.42 -2.77
C VAL B 45 10.73 21.92 -3.79
N PRO B 46 11.58 22.88 -3.39
CA PRO B 46 12.58 23.37 -4.36
C PRO B 46 13.42 22.23 -4.91
N VAL B 47 13.79 21.29 -4.04
CA VAL B 47 14.60 20.16 -4.46
C VAL B 47 13.81 19.22 -5.39
N ALA B 48 12.54 18.98 -5.08
CA ALA B 48 11.72 18.11 -5.92
C ALA B 48 11.53 18.73 -7.30
N VAL B 49 11.31 20.03 -7.33
CA VAL B 49 11.10 20.72 -8.58
C VAL B 49 12.35 20.71 -9.46
N LYS B 50 13.54 20.67 -8.87
CA LYS B 50 14.76 20.65 -9.67
C LYS B 50 15.28 19.26 -9.99
N THR B 51 14.93 18.25 -9.20
CA THR B 51 15.42 16.90 -9.46
C THR B 51 14.37 15.96 -10.04
N HIS B 52 13.11 16.37 -9.99
CA HIS B 52 12.02 15.57 -10.55
C HIS B 52 12.01 14.10 -10.15
N PRO B 53 11.94 13.82 -8.84
CA PRO B 53 11.92 12.43 -8.40
C PRO B 53 10.71 11.67 -8.93
N HIS B 54 10.85 10.38 -9.21
CA HIS B 54 9.73 9.58 -9.71
C HIS B 54 8.78 9.26 -8.55
N LEU B 55 9.32 9.29 -7.33
CA LEU B 55 8.54 8.98 -6.14
C LEU B 55 9.17 9.67 -4.95
N ILE B 56 8.32 10.14 -4.03
CA ILE B 56 8.77 10.83 -2.84
C ILE B 56 8.33 10.08 -1.58
N ILE B 57 9.24 9.95 -0.62
CA ILE B 57 8.92 9.28 0.64
C ILE B 57 9.18 10.37 1.67
N THR B 58 8.19 10.68 2.50
CA THR B 58 8.36 11.74 3.48
C THR B 58 7.80 11.40 4.86
N GLU B 59 8.45 11.93 5.89
CA GLU B 59 8.00 11.73 7.27
C GLU B 59 6.69 12.52 7.38
N ALA B 60 5.62 11.85 7.79
CA ALA B 60 4.34 12.52 7.87
C ALA B 60 4.23 13.61 8.93
N ASN B 61 5.05 13.52 9.97
CA ASN B 61 4.97 14.50 11.06
C ASN B 61 6.07 15.54 11.15
N MET B 62 6.65 15.92 10.02
CA MET B 62 7.68 16.95 10.05
C MET B 62 6.96 18.28 10.23
N PRO B 63 7.66 19.29 10.76
CA PRO B 63 7.00 20.58 10.95
C PRO B 63 6.48 21.12 9.61
N LYS B 64 5.31 21.75 9.65
CA LYS B 64 4.69 22.31 8.46
C LYS B 64 5.34 23.63 8.07
N ILE B 65 5.30 23.95 6.79
CA ILE B 65 5.83 25.22 6.31
C ILE B 65 4.62 26.13 6.17
N SER B 66 4.53 27.10 7.07
CA SER B 66 3.43 28.05 7.08
C SER B 66 2.06 27.38 7.07
N GLY B 67 1.90 26.40 7.95
CA GLY B 67 0.62 25.70 8.07
C GLY B 67 0.25 24.69 7.01
N MET B 68 1.21 24.24 6.21
CA MET B 68 0.90 23.27 5.17
C MET B 68 1.82 22.06 5.18
N ASP B 69 1.25 20.87 5.00
CA ASP B 69 2.00 19.62 4.96
C ASP B 69 2.81 19.64 3.67
N LEU B 70 3.87 18.83 3.61
CA LEU B 70 4.66 18.76 2.40
C LEU B 70 3.78 18.22 1.27
N PHE B 71 2.97 17.21 1.60
CA PHE B 71 2.10 16.59 0.60
C PHE B 71 1.27 17.61 -0.14
N ASN B 72 0.64 18.51 0.61
CA ASN B 72 -0.20 19.54 0.01
C ASN B 72 0.63 20.56 -0.76
N SER B 73 1.81 20.91 -0.24
CA SER B 73 2.67 21.87 -0.91
C SER B 73 3.05 21.35 -2.29
N LEU B 74 3.32 20.06 -2.38
CA LEU B 74 3.71 19.45 -3.66
C LEU B 74 2.57 19.53 -4.68
N LYS B 75 1.34 19.57 -4.19
CA LYS B 75 0.17 19.64 -5.06
C LYS B 75 -0.02 21.02 -5.68
N LYS B 76 0.65 22.03 -5.13
CA LYS B 76 0.53 23.38 -5.65
C LYS B 76 1.42 23.69 -6.85
N ASN B 77 2.31 22.76 -7.20
CA ASN B 77 3.20 22.97 -8.34
C ASN B 77 2.94 21.89 -9.37
N PRO B 78 2.56 22.29 -10.60
CA PRO B 78 2.29 21.36 -11.71
C PRO B 78 3.38 20.33 -11.97
N GLN B 79 4.62 20.69 -11.67
CA GLN B 79 5.74 19.78 -11.89
C GLN B 79 5.72 18.58 -10.95
N THR B 80 5.29 18.80 -9.72
CA THR B 80 5.28 17.74 -8.70
C THR B 80 3.92 17.24 -8.24
N ALA B 81 2.85 17.90 -8.67
CA ALA B 81 1.50 17.52 -8.25
C ALA B 81 1.05 16.08 -8.48
N SER B 82 1.65 15.37 -9.44
CA SER B 82 1.26 13.99 -9.69
C SER B 82 2.29 12.96 -9.26
N ILE B 83 3.38 13.42 -8.66
CA ILE B 83 4.39 12.50 -8.20
C ILE B 83 3.82 11.72 -7.00
N PRO B 84 3.86 10.38 -7.05
CA PRO B 84 3.32 9.62 -5.92
C PRO B 84 4.12 9.86 -4.65
N VAL B 85 3.44 9.87 -3.51
CA VAL B 85 4.11 10.12 -2.25
C VAL B 85 3.79 9.04 -1.22
N ILE B 86 4.84 8.49 -0.60
CA ILE B 86 4.67 7.48 0.44
C ILE B 86 4.94 8.18 1.77
N ALA B 87 4.11 7.91 2.77
CA ALA B 87 4.27 8.52 4.07
C ALA B 87 4.97 7.57 5.03
N LEU B 88 5.84 8.14 5.85
CA LEU B 88 6.59 7.41 6.88
C LEU B 88 6.15 8.02 8.21
N SER B 89 5.96 7.18 9.23
CA SER B 89 5.55 7.69 10.52
C SER B 89 6.00 6.84 11.71
N GLY B 90 6.41 7.52 12.78
CA GLY B 90 6.86 6.83 13.98
C GLY B 90 5.71 6.62 14.96
N ARG B 91 4.58 7.26 14.69
CA ARG B 91 3.41 7.12 15.55
C ARG B 91 2.66 5.89 15.04
N ALA B 92 2.35 5.90 13.75
CA ALA B 92 1.67 4.80 13.07
C ALA B 92 0.49 4.17 13.81
N THR B 93 -0.57 4.94 13.99
CA THR B 93 -1.77 4.42 14.63
C THR B 93 -2.73 4.14 13.48
N ALA B 94 -3.58 3.14 13.64
CA ALA B 94 -4.54 2.79 12.59
C ALA B 94 -5.23 4.04 12.06
N LYS B 95 -5.60 4.94 12.98
CA LYS B 95 -6.29 6.17 12.60
C LYS B 95 -5.41 7.08 11.76
N GLU B 96 -4.15 7.23 12.15
CA GLU B 96 -3.23 8.10 11.42
C GLU B 96 -3.02 7.56 10.01
N GLU B 97 -2.81 6.26 9.91
CA GLU B 97 -2.59 5.62 8.62
C GLU B 97 -3.75 5.93 7.69
N ALA B 98 -4.97 5.72 8.18
CA ALA B 98 -6.17 5.98 7.39
C ALA B 98 -6.25 7.43 6.94
N GLN B 99 -5.92 8.35 7.84
CA GLN B 99 -5.97 9.76 7.50
C GLN B 99 -5.02 10.09 6.36
N LEU B 100 -3.78 9.59 6.45
CA LEU B 100 -2.79 9.84 5.42
C LEU B 100 -3.19 9.22 4.09
N LEU B 101 -3.68 7.98 4.12
CA LEU B 101 -4.11 7.35 2.87
C LEU B 101 -5.30 8.13 2.31
N ASP B 102 -6.25 8.49 3.17
CA ASP B 102 -7.43 9.24 2.70
C ASP B 102 -6.99 10.55 2.04
N MET B 103 -5.95 11.17 2.60
CA MET B 103 -5.39 12.42 2.10
C MET B 103 -4.88 12.31 0.66
N GLY B 104 -4.40 11.13 0.28
CA GLY B 104 -3.87 10.98 -1.06
C GLY B 104 -2.50 10.30 -1.10
N PHE B 105 -1.88 10.09 0.05
CA PHE B 105 -0.59 9.40 0.06
C PHE B 105 -0.86 8.05 -0.60
N ILE B 106 0.07 7.60 -1.44
CA ILE B 106 -0.14 6.33 -2.14
C ILE B 106 0.17 5.10 -1.29
N ASP B 107 0.91 5.30 -0.21
CA ASP B 107 1.21 4.21 0.72
C ASP B 107 1.66 4.80 2.04
N PHE B 108 1.71 3.95 3.05
CA PHE B 108 2.11 4.34 4.38
C PHE B 108 2.97 3.23 4.97
N ILE B 109 4.09 3.61 5.59
CA ILE B 109 5.00 2.66 6.21
C ILE B 109 5.34 3.15 7.61
N ALA B 110 5.17 2.29 8.60
CA ALA B 110 5.46 2.65 9.98
C ALA B 110 6.93 2.40 10.31
N LYS B 111 7.53 3.33 11.03
CA LYS B 111 8.92 3.19 11.45
C LYS B 111 8.90 2.30 12.69
N PRO B 112 9.99 1.57 12.96
CA PRO B 112 11.24 1.52 12.19
C PRO B 112 11.06 0.88 10.81
N VAL B 113 11.77 1.43 9.83
CA VAL B 113 11.68 0.96 8.46
C VAL B 113 12.55 -0.28 8.15
N ASN B 114 11.94 -1.26 7.51
CA ASN B 114 12.65 -2.48 7.11
C ASN B 114 13.01 -2.32 5.64
N ALA B 115 14.30 -2.41 5.32
CA ALA B 115 14.79 -2.26 3.96
C ALA B 115 14.14 -3.15 2.91
N ILE B 116 13.92 -4.41 3.24
CA ILE B 116 13.30 -5.35 2.30
C ILE B 116 11.87 -4.93 2.01
N ARG B 117 11.16 -4.54 3.06
CA ARG B 117 9.78 -4.11 2.96
C ARG B 117 9.72 -2.83 2.14
N LEU B 118 10.59 -1.87 2.48
CA LEU B 118 10.65 -0.59 1.78
C LEU B 118 10.90 -0.72 0.28
N SER B 119 11.90 -1.52 -0.08
CA SER B 119 12.21 -1.72 -1.48
C SER B 119 11.00 -2.26 -2.25
N ALA B 120 10.32 -3.25 -1.66
CA ALA B 120 9.16 -3.86 -2.31
C ALA B 120 7.99 -2.87 -2.45
N ARG B 121 7.82 -2.03 -1.44
CA ARG B 121 6.76 -1.02 -1.43
C ARG B 121 7.04 0.01 -2.52
N ILE B 122 8.31 0.39 -2.67
CA ILE B 122 8.67 1.36 -3.68
C ILE B 122 8.37 0.79 -5.07
N LYS B 123 8.79 -0.44 -5.30
CA LYS B 123 8.57 -1.06 -6.61
C LYS B 123 7.08 -1.31 -6.89
N ARG B 124 6.32 -1.57 -5.83
CA ARG B 124 4.88 -1.81 -6.00
C ARG B 124 4.24 -0.57 -6.60
N VAL B 125 4.57 0.57 -6.02
CA VAL B 125 4.02 1.85 -6.49
C VAL B 125 4.50 2.21 -7.89
N LEU B 126 5.79 2.04 -8.14
CA LEU B 126 6.34 2.38 -9.46
C LEU B 126 5.68 1.53 -10.54
N LYS B 127 5.44 0.26 -10.25
CA LYS B 127 4.80 -0.62 -11.23
C LYS B 127 3.37 -0.19 -11.52
N LEU B 128 2.67 0.29 -10.50
CA LEU B 128 1.29 0.74 -10.66
C LEU B 128 1.17 2.06 -11.40
N LEU B 129 2.10 2.98 -11.16
CA LEU B 129 2.04 4.30 -11.78
C LEU B 129 2.85 4.53 -13.05
N TYR B 130 3.93 3.78 -13.26
CA TYR B 130 4.73 3.97 -14.47
C TYR B 130 4.65 2.82 -15.47
#